data_1O5A
#
_entry.id   1O5A
#
_cell.length_a   81.78
_cell.length_b   49.87
_cell.length_c   66.74
_cell.angle_alpha   90.0
_cell.angle_beta   113.41
_cell.angle_gamma   90.0
#
_symmetry.space_group_name_H-M   'C 1 2 1'
#
loop_
_entity.id
_entity.type
_entity.pdbx_description
1 polymer 'Urokinase-type plasminogen activator'
2 polymer 'Urokinase-type plasminogen activator'
3 non-polymer "3-{5-[AMINO(IMINIO)METHYL]-1H-INDOL-2-YL}-1,1'-BIPHENYL-2-OLATE"
4 non-polymer 'CITRIC ACID'
5 water water
#
loop_
_entity_poly.entity_id
_entity_poly.type
_entity_poly.pdbx_seq_one_letter_code
_entity_poly.pdbx_strand_id
1 'polypeptide(L)' KPSSPPEELKFQCGQKTLRPRFK A
2 'polypeptide(L)'
;IIGGEFTTIENQPWFAAIYRRHRGGSVTYVCGGSLMSPCWVISATHCFIDYPKKEDYIVYLGRSRLNSNTQGEMKFEVEN
LILHKDYSADTLAHHNDIALLKIRSKEGRCAQPSRTIQTICLPSMYNDPQFGTSCEITGFGKEASTDYLYPEQLKMTVVK
LISHRECQQPHYYGSEVTTKMLCAADPQWKTDACQGDSGGPLVCSLQGRMTLTGIVSWGRGCALKDKPGVYTRVSHFLPW
IRSHTKEENGLAL
;
B
#
# COMPACT_ATOMS: atom_id res chain seq x y z
N LEU A 9 -0.16 22.08 -9.82
CA LEU A 9 1.07 22.88 -10.04
C LEU A 9 2.14 21.81 -9.91
N LYS A 10 3.07 21.90 -9.00
CA LYS A 10 4.14 20.88 -8.83
C LYS A 10 3.77 20.03 -7.59
N PHE A 11 4.30 18.86 -7.48
CA PHE A 11 3.98 17.98 -6.33
C PHE A 11 4.46 18.55 -5.00
N GLN A 12 3.72 18.29 -3.96
CA GLN A 12 4.00 18.74 -2.58
C GLN A 12 3.52 17.50 -1.86
N CYS A 13 4.44 16.62 -1.54
CA CYS A 13 4.09 15.34 -0.85
C CYS A 13 3.16 15.47 0.33
N GLY A 14 2.28 14.52 0.42
CA GLY A 14 1.31 14.50 1.53
C GLY A 14 0.24 15.57 1.49
N GLN A 15 0.24 16.50 0.57
CA GLN A 15 -0.85 17.51 0.60
C GLN A 15 -2.03 17.10 -0.31
N LYS A 16 -3.22 17.04 0.25
CA LYS A 16 -4.43 16.66 -0.54
C LYS A 16 -5.08 18.02 -0.88
N THR A 17 -5.73 18.14 -1.99
CA THR A 17 -6.39 19.39 -2.43
C THR A 17 -7.69 18.94 -3.15
N ILE B 1 -11.12 -3.71 2.62
CA ILE B 1 -11.10 -3.06 3.94
C ILE B 1 -12.41 -3.52 4.58
N ILE B 2 -12.32 -3.92 5.82
CA ILE B 2 -13.49 -4.40 6.58
C ILE B 2 -13.88 -3.08 7.24
N GLY B 3 -15.11 -2.65 7.13
CA GLY B 3 -15.50 -1.36 7.77
C GLY B 3 -14.95 -0.23 6.93
N GLY B 4 -14.74 0.89 7.52
CA GLY B 4 -14.20 2.00 6.74
C GLY B 4 -15.39 2.70 6.12
N GLU B 5 -15.05 3.59 5.25
CA GLU B 5 -16.05 4.38 4.53
C GLU B 5 -15.59 4.31 3.06
N PHE B 6 -16.46 4.63 2.16
CA PHE B 6 -16.09 4.59 0.71
C PHE B 6 -15.53 6.02 0.53
N THR B 7 -14.55 6.23 -0.30
CA THR B 7 -14.00 7.60 -0.49
C THR B 7 -13.76 7.77 -1.99
N THR B 8 -13.06 8.81 -2.31
CA THR B 8 -12.71 9.13 -3.70
C THR B 8 -11.20 9.31 -3.62
N ILE B 9 -10.58 9.22 -4.74
CA ILE B 9 -9.12 9.38 -4.81
C ILE B 9 -8.67 10.78 -4.33
N GLU B 10 -9.51 11.78 -4.36
CA GLU B 10 -9.04 13.13 -3.90
C GLU B 10 -8.69 13.03 -2.43
N ASN B 11 -9.19 12.06 -1.77
CA ASN B 11 -8.86 11.96 -0.33
C ASN B 11 -7.60 11.09 -0.10
N GLN B 12 -7.10 10.50 -1.15
CA GLN B 12 -5.88 9.61 -1.09
C GLN B 12 -5.10 9.74 -2.42
N PRO B 13 -4.72 10.92 -2.79
CA PRO B 13 -4.28 11.16 -4.20
C PRO B 13 -2.94 10.46 -4.58
N TRP B 14 -2.30 9.85 -3.63
CA TRP B 14 -1.01 9.14 -3.85
C TRP B 14 -1.30 7.67 -4.10
N PHE B 15 -2.50 7.24 -3.88
CA PHE B 15 -2.82 5.79 -4.10
C PHE B 15 -2.72 5.40 -5.62
N ALA B 16 -2.08 4.27 -5.87
CA ALA B 16 -1.86 3.71 -7.22
C ALA B 16 -2.54 2.35 -7.20
N ALA B 17 -3.19 2.04 -8.29
CA ALA B 17 -3.94 0.76 -8.49
C ALA B 17 -3.16 -0.01 -9.55
N ILE B 18 -2.77 -1.21 -9.21
CA ILE B 18 -1.99 -2.05 -10.14
C ILE B 18 -2.84 -3.24 -10.58
N TYR B 19 -2.83 -3.45 -11.87
CA TYR B 19 -3.60 -4.56 -12.52
C TYR B 19 -2.68 -5.43 -13.39
N ARG B 20 -3.16 -6.60 -13.76
CA ARG B 20 -2.38 -7.52 -14.59
C ARG B 20 -3.20 -7.82 -15.86
N ARG B 21 -2.55 -7.90 -17.00
CA ARG B 21 -3.26 -8.19 -18.30
C ARG B 21 -3.23 -9.71 -18.51
N HIS B 22 -4.24 -10.22 -19.12
CA HIS B 22 -4.30 -11.69 -19.38
C HIS B 22 -4.47 -11.89 -20.88
N ARG B 23 -4.19 -13.07 -21.35
CA ARG B 23 -4.35 -13.34 -22.79
C ARG B 23 -5.79 -13.80 -22.69
N GLY B 24 -6.59 -13.23 -23.51
CA GLY B 24 -8.04 -13.56 -23.52
C GLY B 24 -8.74 -12.21 -23.42
N GLY B 25 -8.06 -11.20 -22.93
CA GLY B 25 -8.71 -9.85 -22.83
C GLY B 25 -8.93 -9.23 -21.45
N SER B 26 -9.02 -9.97 -20.39
CA SER B 26 -9.26 -9.24 -19.14
C SER B 26 -8.02 -8.77 -18.46
N VAL B 27 -8.17 -7.78 -17.63
CA VAL B 27 -7.03 -7.21 -16.87
C VAL B 27 -7.59 -7.42 -15.44
N THR B 28 -6.85 -7.87 -14.49
CA THR B 28 -7.42 -8.06 -13.13
C THR B 28 -6.64 -7.22 -12.14
N TYR B 29 -7.26 -6.87 -11.04
CA TYR B 29 -6.54 -6.05 -10.03
C TYR B 29 -5.56 -6.96 -9.30
N VAL B 30 -4.42 -6.42 -9.00
CA VAL B 30 -3.35 -7.18 -8.28
C VAL B 30 -3.15 -6.58 -6.85
N CYS B 31 -2.69 -5.35 -6.77
CA CYS B 31 -2.44 -4.69 -5.46
C CYS B 31 -2.52 -3.19 -5.51
N GLY B 32 -2.41 -2.63 -4.35
CA GLY B 32 -2.46 -1.17 -4.18
C GLY B 32 -0.95 -0.78 -4.23
N GLY B 33 -0.65 0.49 -4.23
CA GLY B 33 0.72 1.03 -4.27
C GLY B 33 0.61 2.50 -3.88
N SER B 34 1.71 3.21 -3.82
CA SER B 34 1.71 4.66 -3.47
C SER B 34 2.73 5.39 -4.35
N LEU B 35 2.48 6.60 -4.71
CA LEU B 35 3.40 7.40 -5.56
C LEU B 35 4.39 8.12 -4.61
N MET B 36 5.66 7.88 -4.74
CA MET B 36 6.68 8.55 -3.84
C MET B 36 7.31 9.73 -4.58
N SER B 37 7.53 9.59 -5.86
CA SER B 37 8.12 10.67 -6.68
C SER B 37 7.37 10.56 -8.03
N PRO B 38 7.50 11.50 -8.89
CA PRO B 38 6.81 11.47 -10.22
C PRO B 38 6.92 10.16 -10.99
N CYS B 39 8.06 9.56 -10.98
CA CYS B 39 8.24 8.29 -11.74
C CYS B 39 8.30 7.06 -10.88
N TRP B 40 8.14 7.15 -9.59
CA TRP B 40 8.22 5.89 -8.77
C TRP B 40 7.04 5.58 -7.86
N VAL B 41 6.58 4.35 -7.95
CA VAL B 41 5.45 3.89 -7.11
C VAL B 41 6.06 2.77 -6.17
N ILE B 42 5.63 2.69 -4.94
CA ILE B 42 6.16 1.66 -4.01
C ILE B 42 4.96 0.80 -3.63
N SER B 43 5.22 -0.47 -3.57
CA SER B 43 4.18 -1.47 -3.22
C SER B 43 4.90 -2.63 -2.46
N ALA B 44 4.33 -3.80 -2.55
CA ALA B 44 4.88 -5.02 -1.89
C ALA B 44 5.41 -6.10 -2.85
N THR B 45 6.58 -6.65 -2.60
CA THR B 45 7.14 -7.71 -3.49
C THR B 45 6.23 -8.94 -3.63
N HIS B 46 5.51 -9.37 -2.62
CA HIS B 46 4.68 -10.57 -2.83
C HIS B 46 3.59 -10.32 -3.90
N CYS B 47 3.31 -9.10 -4.25
CA CYS B 47 2.26 -8.82 -5.29
C CYS B 47 2.76 -9.24 -6.68
N PHE B 48 4.06 -9.20 -6.84
CA PHE B 48 4.70 -9.56 -8.16
C PHE B 48 5.46 -10.85 -8.18
N ILE B 49 5.97 -11.27 -7.05
CA ILE B 49 6.74 -12.53 -6.96
C ILE B 49 6.36 -13.72 -7.86
N ASP B 50 5.11 -14.05 -7.91
CA ASP B 50 4.73 -15.21 -8.77
C ASP B 50 4.53 -14.87 -10.23
N TYR B 51 4.66 -13.64 -10.62
CA TYR B 51 4.47 -13.32 -12.06
C TYR B 51 5.33 -12.11 -12.38
N PRO B 52 6.64 -12.19 -12.27
CA PRO B 52 7.50 -11.00 -12.41
C PRO B 52 7.71 -10.49 -13.87
N LYS B 53 6.70 -10.51 -14.71
CA LYS B 53 6.82 -10.03 -16.13
C LYS B 53 6.27 -8.60 -16.15
N LYS B 54 7.12 -7.64 -15.93
CA LYS B 54 6.70 -6.21 -15.91
C LYS B 54 5.80 -5.78 -17.05
N GLU B 55 6.08 -6.26 -18.23
CA GLU B 55 5.25 -5.89 -19.43
C GLU B 55 3.77 -6.22 -19.26
N ASP B 56 3.42 -7.10 -18.38
CA ASP B 56 1.96 -7.39 -18.27
C ASP B 56 1.29 -6.62 -17.17
N TYR B 57 1.92 -5.64 -16.59
CA TYR B 57 1.24 -4.88 -15.49
C TYR B 57 0.89 -3.51 -15.95
N ILE B 58 -0.16 -2.97 -15.43
CA ILE B 58 -0.61 -1.60 -15.80
C ILE B 58 -0.77 -0.90 -14.45
N VAL B 59 -0.40 0.33 -14.39
CA VAL B 59 -0.52 1.11 -13.15
C VAL B 59 -1.42 2.32 -13.53
N TYR B 60 -2.32 2.62 -12.66
CA TYR B 60 -3.24 3.74 -12.86
C TYR B 60 -3.13 4.65 -11.64
N LEU B 61 -3.19 5.92 -11.86
CA LEU B 61 -3.13 6.91 -10.78
C LEU B 61 -4.47 7.69 -11.04
N GLY B 62 -5.01 8.30 -10.04
CA GLY B 62 -6.27 9.07 -10.11
C GLY B 62 -7.53 8.23 -10.23
N ARG B 63 -7.56 7.02 -9.74
CA ARG B 63 -8.76 6.14 -9.84
C ARG B 63 -9.54 5.98 -8.56
N SER B 64 -10.81 6.28 -8.61
CA SER B 64 -11.67 6.15 -7.43
C SER B 64 -12.40 4.82 -7.61
N ARG B 65 -12.47 4.26 -8.79
CA ARG B 65 -13.19 2.97 -8.98
C ARG B 65 -12.28 1.90 -9.57
N LEU B 66 -12.62 0.69 -9.26
CA LEU B 66 -11.87 -0.48 -9.70
C LEU B 66 -11.92 -0.86 -11.19
N ASN B 67 -13.09 -1.00 -11.75
CA ASN B 67 -13.14 -1.38 -13.21
C ASN B 67 -13.76 -0.32 -14.10
N SER B 68 -14.18 0.79 -13.57
CA SER B 68 -14.78 1.86 -14.43
C SER B 68 -13.70 2.95 -14.42
N ASN B 69 -13.77 3.90 -15.31
CA ASN B 69 -12.72 4.98 -15.34
C ASN B 69 -13.14 6.11 -14.48
N THR B 70 -12.20 6.91 -14.15
CA THR B 70 -12.41 8.10 -13.30
C THR B 70 -11.87 9.19 -14.21
N GLN B 71 -12.46 10.35 -14.18
CA GLN B 71 -11.95 11.41 -15.08
C GLN B 71 -10.65 11.92 -14.42
N GLY B 72 -9.63 12.11 -15.18
CA GLY B 72 -8.37 12.61 -14.61
C GLY B 72 -7.39 11.45 -14.42
N GLU B 73 -7.85 10.22 -14.44
CA GLU B 73 -6.84 9.13 -14.24
C GLU B 73 -5.69 9.12 -15.27
N MET B 74 -4.58 8.55 -14.89
CA MET B 74 -3.38 8.45 -15.79
C MET B 74 -3.05 6.97 -15.84
N LYS B 75 -2.70 6.45 -16.97
CA LYS B 75 -2.36 5.01 -17.15
C LYS B 75 -0.86 4.91 -17.42
N PHE B 76 -0.19 3.95 -16.86
CA PHE B 76 1.27 3.81 -17.07
C PHE B 76 1.66 2.38 -17.30
N GLU B 77 2.81 2.27 -17.87
CA GLU B 77 3.40 0.95 -18.17
C GLU B 77 4.53 0.97 -17.06
N VAL B 78 5.00 -0.18 -16.73
CA VAL B 78 6.07 -0.36 -15.69
C VAL B 78 7.42 -0.52 -16.42
N GLU B 79 8.22 0.51 -16.32
CA GLU B 79 9.56 0.56 -16.96
C GLU B 79 10.51 -0.30 -16.10
N ASN B 80 10.51 -0.14 -14.80
CA ASN B 80 11.44 -0.99 -13.98
C ASN B 80 10.61 -1.58 -12.86
N LEU B 81 10.83 -2.80 -12.53
CA LEU B 81 10.10 -3.49 -11.45
C LEU B 81 11.25 -3.97 -10.55
N ILE B 82 11.39 -3.41 -9.39
CA ILE B 82 12.48 -3.78 -8.45
C ILE B 82 11.85 -4.48 -7.26
N LEU B 83 12.21 -5.72 -7.11
CA LEU B 83 11.69 -6.55 -6.00
C LEU B 83 12.81 -6.54 -4.96
N HIS B 84 12.53 -6.96 -3.76
CA HIS B 84 13.55 -6.96 -2.68
C HIS B 84 14.23 -8.30 -2.64
N LYS B 85 15.53 -8.24 -2.79
CA LYS B 85 16.37 -9.46 -2.76
C LYS B 85 16.36 -9.64 -1.26
N ASP B 86 15.93 -10.78 -0.84
CA ASP B 86 15.81 -11.21 0.56
C ASP B 86 14.33 -11.23 0.90
N TYR B 87 13.47 -11.13 -0.07
CA TYR B 87 12.01 -11.16 0.28
C TYR B 87 11.81 -12.61 0.73
N SER B 88 11.03 -12.89 1.73
CA SER B 88 10.85 -14.31 2.15
C SER B 88 9.41 -14.52 2.64
N ALA B 89 8.82 -15.65 2.44
CA ALA B 89 7.44 -15.85 2.92
C ALA B 89 7.50 -17.12 3.75
N ASP B 90 6.74 -17.20 4.77
CA ASP B 90 6.75 -18.42 5.62
C ASP B 90 5.28 -18.62 5.88
N THR B 91 4.90 -19.34 6.90
CA THR B 91 3.45 -19.50 7.11
C THR B 91 3.15 -18.03 7.57
N LEU B 92 2.04 -17.48 7.18
CA LEU B 92 1.67 -16.08 7.57
C LEU B 92 2.57 -14.92 7.11
N ALA B 93 3.77 -14.85 7.61
CA ALA B 93 4.60 -13.71 7.19
C ALA B 93 5.34 -13.66 5.88
N HIS B 94 5.61 -12.43 5.53
CA HIS B 94 6.34 -12.02 4.31
C HIS B 94 7.46 -11.13 4.90
N HIS B 95 8.71 -11.35 4.56
CA HIS B 95 9.85 -10.55 5.08
C HIS B 95 10.34 -9.71 3.92
N ASN B 96 10.69 -8.47 4.19
CA ASN B 96 11.21 -7.48 3.19
C ASN B 96 10.19 -7.38 2.05
N ASP B 97 8.96 -7.18 2.43
CA ASP B 97 7.85 -7.08 1.43
C ASP B 97 7.66 -5.65 0.98
N ILE B 98 8.56 -5.22 0.16
CA ILE B 98 8.54 -3.85 -0.39
C ILE B 98 9.02 -3.97 -1.85
N ALA B 99 8.52 -3.16 -2.75
CA ALA B 99 8.95 -3.23 -4.17
C ALA B 99 8.80 -1.83 -4.75
N LEU B 100 9.53 -1.58 -5.82
CA LEU B 100 9.50 -0.26 -6.51
C LEU B 100 9.13 -0.50 -7.99
N LEU B 101 8.31 0.34 -8.54
CA LEU B 101 7.89 0.23 -9.96
C LEU B 101 8.19 1.59 -10.53
N LYS B 102 8.92 1.64 -11.61
CA LYS B 102 9.25 2.94 -12.23
C LYS B 102 8.17 2.93 -13.33
N ILE B 103 7.41 3.99 -13.42
CA ILE B 103 6.31 4.08 -14.42
C ILE B 103 6.63 5.00 -15.59
N ARG B 104 6.03 4.75 -16.73
CA ARG B 104 6.29 5.61 -17.94
C ARG B 104 4.92 5.63 -18.68
N SER B 105 4.46 6.73 -19.22
CA SER B 105 3.14 6.69 -19.93
C SER B 105 3.42 6.41 -21.41
N LYS B 106 2.39 6.18 -22.20
CA LYS B 106 2.61 5.90 -23.65
C LYS B 106 3.29 7.08 -24.32
N GLU B 107 3.24 8.25 -23.73
CA GLU B 107 3.91 9.42 -24.38
C GLU B 107 5.31 9.55 -23.77
N GLY B 108 5.69 8.68 -22.87
CA GLY B 108 7.04 8.73 -22.26
C GLY B 108 7.14 9.61 -21.04
N ARG B 109 6.06 9.84 -20.35
CA ARG B 109 6.21 10.73 -19.16
C ARG B 109 5.85 10.00 -17.89
N CYS B 110 6.11 10.70 -16.81
CA CYS B 110 5.83 10.19 -15.45
C CYS B 110 4.56 10.89 -15.01
N ALA B 111 4.16 10.69 -13.79
CA ALA B 111 2.92 11.32 -13.26
C ALA B 111 3.00 12.85 -13.32
N GLN B 112 1.86 13.46 -13.48
CA GLN B 112 1.75 14.94 -13.55
C GLN B 112 0.85 15.27 -12.35
N PRO B 113 1.05 16.35 -11.61
CA PRO B 113 0.25 16.65 -10.38
C PRO B 113 -1.17 17.17 -10.68
N SER B 114 -2.18 16.73 -9.98
CA SER B 114 -3.56 17.22 -10.25
C SER B 114 -4.29 17.11 -8.87
N ARG B 115 -5.59 17.34 -8.79
CA ARG B 115 -6.26 17.23 -7.46
C ARG B 115 -6.46 15.76 -7.21
N THR B 116 -6.20 14.92 -8.17
CA THR B 116 -6.39 13.46 -7.93
C THR B 116 -5.05 12.68 -7.93
N ILE B 117 -3.93 13.33 -8.23
CA ILE B 117 -2.59 12.66 -8.27
C ILE B 117 -1.58 13.51 -7.46
N GLN B 118 -1.06 12.97 -6.38
CA GLN B 118 -0.05 13.69 -5.47
C GLN B 118 0.95 12.66 -4.91
N THR B 119 2.11 13.06 -4.48
CA THR B 119 3.05 12.05 -3.94
C THR B 119 2.80 12.00 -2.42
N ILE B 120 3.27 10.99 -1.76
CA ILE B 120 3.08 10.89 -0.28
C ILE B 120 4.56 11.13 0.22
N CYS B 121 4.73 11.51 1.45
CA CYS B 121 6.10 11.77 1.98
C CYS B 121 6.71 10.52 2.59
N LEU B 122 8.01 10.44 2.52
CA LEU B 122 8.77 9.27 3.08
C LEU B 122 9.16 9.69 4.49
N PRO B 123 9.22 8.77 5.44
CA PRO B 123 9.73 9.09 6.81
C PRO B 123 11.24 9.34 6.78
N SER B 124 11.77 9.80 7.87
CA SER B 124 13.22 10.05 7.90
C SER B 124 13.72 8.70 8.46
N MET B 125 14.98 8.46 8.26
CA MET B 125 15.66 7.22 8.71
C MET B 125 15.14 6.73 10.04
N TYR B 126 14.73 5.48 10.10
CA TYR B 126 14.18 4.80 11.32
C TYR B 126 13.21 5.63 12.14
N ASN B 127 12.62 6.67 11.60
CA ASN B 127 11.67 7.52 12.37
C ASN B 127 10.27 7.02 12.11
N ASP B 128 9.53 6.77 13.15
CA ASP B 128 8.12 6.27 13.08
C ASP B 128 7.27 7.04 14.06
N PRO B 129 5.96 7.00 13.96
CA PRO B 129 5.10 7.63 14.98
C PRO B 129 5.09 6.68 16.19
N GLN B 130 4.70 7.19 17.33
CA GLN B 130 4.66 6.33 18.55
C GLN B 130 3.39 5.46 18.47
N PHE B 131 3.38 4.34 19.16
CA PHE B 131 2.17 3.48 19.10
C PHE B 131 1.00 4.30 19.66
N GLY B 132 -0.19 4.02 19.19
CA GLY B 132 -1.38 4.77 19.67
C GLY B 132 -1.73 5.74 18.54
N THR B 133 -0.78 6.18 17.76
CA THR B 133 -1.10 7.12 16.64
C THR B 133 -2.14 6.47 15.69
N SER B 134 -3.06 7.26 15.19
CA SER B 134 -4.11 6.73 14.25
C SER B 134 -3.55 7.04 12.88
N CYS B 135 -3.64 6.06 12.04
CA CYS B 135 -3.14 6.18 10.66
C CYS B 135 -4.29 5.68 9.80
N GLU B 136 -4.23 5.95 8.54
CA GLU B 136 -5.34 5.47 7.65
C GLU B 136 -4.75 4.57 6.60
N ILE B 137 -5.57 3.68 6.17
CA ILE B 137 -5.18 2.70 5.13
C ILE B 137 -6.29 2.83 4.07
N THR B 138 -5.98 2.50 2.85
CA THR B 138 -6.97 2.59 1.73
C THR B 138 -6.80 1.43 0.76
N GLY B 139 -7.81 1.13 0.00
CA GLY B 139 -7.67 0.03 -0.96
C GLY B 139 -9.02 -0.49 -1.43
N PHE B 140 -8.91 -1.41 -2.35
CA PHE B 140 -10.05 -2.12 -3.03
C PHE B 140 -10.14 -3.56 -2.56
N GLY B 141 -9.59 -3.85 -1.41
CA GLY B 141 -9.65 -5.25 -0.94
C GLY B 141 -11.02 -5.58 -0.44
N LYS B 142 -11.18 -6.84 -0.09
CA LYS B 142 -12.47 -7.35 0.41
C LYS B 142 -13.05 -6.56 1.58
N GLU B 143 -14.34 -6.66 1.65
CA GLU B 143 -15.16 -6.00 2.69
C GLU B 143 -15.54 -7.01 3.75
N ALA B 144 -15.45 -8.29 3.45
CA ALA B 144 -15.78 -9.37 4.40
C ALA B 144 -14.84 -10.49 3.98
N SER B 145 -14.28 -11.19 4.90
CA SER B 145 -13.34 -12.31 4.59
C SER B 145 -13.98 -13.34 3.65
N THR B 146 -15.25 -13.57 3.79
CA THR B 146 -15.96 -14.55 2.95
C THR B 146 -16.27 -14.05 1.52
N ASP B 147 -16.06 -12.80 1.21
CA ASP B 147 -16.37 -12.34 -0.17
C ASP B 147 -15.43 -12.92 -1.21
N TYR B 148 -15.84 -12.98 -2.45
CA TYR B 148 -14.96 -13.52 -3.52
C TYR B 148 -14.81 -12.44 -4.61
N LEU B 149 -15.35 -11.27 -4.37
CA LEU B 149 -15.29 -10.08 -5.32
C LEU B 149 -14.71 -8.89 -4.50
N TYR B 150 -14.16 -7.94 -5.18
CA TYR B 150 -13.59 -6.74 -4.51
C TYR B 150 -14.65 -5.65 -4.74
N PRO B 151 -14.71 -4.65 -3.90
CA PRO B 151 -15.61 -3.51 -4.14
C PRO B 151 -15.19 -2.73 -5.38
N GLU B 152 -16.12 -1.99 -5.91
CA GLU B 152 -15.83 -1.17 -7.11
C GLU B 152 -15.39 0.20 -6.64
N GLN B 153 -15.82 0.61 -5.49
CA GLN B 153 -15.43 1.96 -4.97
C GLN B 153 -14.31 1.82 -3.97
N LEU B 154 -13.45 2.79 -3.99
CA LEU B 154 -12.28 2.81 -3.07
C LEU B 154 -12.79 3.01 -1.63
N LYS B 155 -12.12 2.39 -0.70
CA LYS B 155 -12.48 2.50 0.72
C LYS B 155 -11.20 2.93 1.52
N MET B 156 -11.46 3.40 2.69
CA MET B 156 -10.42 3.88 3.63
C MET B 156 -10.92 3.58 5.01
N THR B 157 -10.03 3.55 5.98
CA THR B 157 -10.44 3.29 7.39
C THR B 157 -9.25 3.85 8.21
N VAL B 158 -9.44 3.93 9.51
CA VAL B 158 -8.43 4.45 10.45
C VAL B 158 -8.09 3.32 11.39
N VAL B 159 -6.83 3.14 11.60
CA VAL B 159 -6.36 2.06 12.49
C VAL B 159 -5.27 2.67 13.41
N LYS B 160 -4.98 2.07 14.52
CA LYS B 160 -3.95 2.64 15.41
C LYS B 160 -2.73 1.74 15.45
N LEU B 161 -1.62 2.40 15.50
CA LEU B 161 -0.33 1.68 15.56
C LEU B 161 -0.27 1.01 16.93
N ILE B 162 0.16 -0.22 17.02
CA ILE B 162 0.24 -0.86 18.36
C ILE B 162 1.77 -1.13 18.53
N SER B 163 2.19 -1.48 19.71
CA SER B 163 3.63 -1.73 19.92
C SER B 163 4.03 -3.15 19.50
N HIS B 164 5.32 -3.32 19.35
CA HIS B 164 5.86 -4.66 18.95
C HIS B 164 5.65 -5.56 20.19
N ARG B 165 5.79 -5.07 21.39
CA ARG B 165 5.59 -5.91 22.59
C ARG B 165 4.17 -6.48 22.52
N GLU B 166 3.22 -5.65 22.22
CA GLU B 166 1.82 -6.13 22.14
C GLU B 166 1.67 -7.08 20.96
N CYS B 167 2.24 -6.76 19.85
CA CYS B 167 2.10 -7.70 18.68
C CYS B 167 2.84 -9.04 18.81
N GLN B 168 3.97 -9.05 19.45
CA GLN B 168 4.76 -10.30 19.62
C GLN B 168 4.33 -11.09 20.81
N GLN B 169 3.13 -10.88 21.29
CA GLN B 169 2.68 -11.68 22.46
C GLN B 169 2.34 -13.02 21.82
N PRO B 170 2.64 -14.14 22.42
CA PRO B 170 2.36 -15.47 21.81
C PRO B 170 0.96 -15.60 21.26
N HIS B 171 0.02 -15.01 21.95
CA HIS B 171 -1.36 -15.13 21.45
C HIS B 171 -1.75 -14.13 20.36
N TYR B 172 -0.79 -13.43 19.82
CA TYR B 172 -1.01 -12.45 18.72
C TYR B 172 -0.17 -13.13 17.66
N TYR B 173 1.00 -12.65 17.35
CA TYR B 173 1.84 -13.31 16.30
C TYR B 173 3.21 -13.80 16.81
N GLY B 174 3.48 -13.69 18.07
CA GLY B 174 4.80 -14.15 18.57
C GLY B 174 5.93 -13.52 17.80
N SER B 175 6.97 -14.28 17.57
CA SER B 175 8.15 -13.76 16.84
C SER B 175 7.97 -13.67 15.32
N GLU B 176 6.81 -13.98 14.81
CA GLU B 176 6.61 -13.90 13.32
C GLU B 176 6.82 -12.42 12.94
N VAL B 177 6.49 -11.56 13.88
CA VAL B 177 6.64 -10.10 13.62
C VAL B 177 8.06 -9.68 14.01
N THR B 178 8.71 -8.98 13.15
CA THR B 178 10.08 -8.52 13.40
C THR B 178 10.12 -6.97 13.53
N THR B 179 11.30 -6.43 13.67
CA THR B 179 11.53 -4.95 13.83
C THR B 179 11.37 -4.24 12.49
N LYS B 180 11.38 -5.00 11.43
CA LYS B 180 11.22 -4.41 10.09
C LYS B 180 9.72 -4.44 9.68
N MET B 181 8.86 -4.74 10.61
CA MET B 181 7.39 -4.79 10.36
C MET B 181 6.77 -3.87 11.44
N LEU B 182 5.53 -3.52 11.24
CA LEU B 182 4.72 -2.66 12.13
C LEU B 182 3.35 -3.33 12.24
N CYS B 183 2.68 -3.13 13.32
CA CYS B 183 1.36 -3.72 13.54
C CYS B 183 0.38 -2.60 13.79
N ALA B 184 -0.80 -2.75 13.28
CA ALA B 184 -1.83 -1.71 13.46
C ALA B 184 -3.18 -2.42 13.61
N ALA B 185 -4.03 -1.96 14.47
CA ALA B 185 -5.35 -2.63 14.62
C ALA B 185 -6.34 -1.61 15.14
N ASP B 186 -7.56 -2.04 15.17
CA ASP B 186 -8.64 -1.17 15.62
C ASP B 186 -8.78 -1.63 17.06
N PRO B 187 -8.83 -0.74 18.02
CA PRO B 187 -9.08 -1.05 19.44
C PRO B 187 -10.20 -2.06 19.69
N GLN B 188 -11.18 -2.02 18.85
CA GLN B 188 -12.32 -2.96 19.01
C GLN B 188 -12.35 -4.00 17.92
N TRP B 189 -11.23 -4.22 17.28
CA TRP B 189 -11.14 -5.23 16.17
C TRP B 189 -12.36 -5.15 15.23
N LYS B 190 -12.69 -3.97 14.78
CA LYS B 190 -13.87 -3.78 13.86
C LYS B 190 -13.49 -3.48 12.40
N THR B 191 -12.44 -2.74 12.18
CA THR B 191 -12.05 -2.44 10.79
C THR B 191 -10.57 -2.90 10.63
N ASP B 192 -10.18 -3.16 9.40
CA ASP B 192 -8.80 -3.63 9.14
C ASP B 192 -8.63 -3.75 7.62
N ALA B 193 -7.45 -4.11 7.19
CA ALA B 193 -7.16 -4.30 5.74
C ALA B 193 -7.54 -5.78 5.58
N CYS B 194 -7.62 -6.23 4.37
CA CYS B 194 -7.97 -7.64 4.08
C CYS B 194 -7.37 -7.99 2.73
N GLN B 195 -7.60 -9.19 2.28
CA GLN B 195 -7.08 -9.65 0.97
C GLN B 195 -7.55 -8.64 -0.08
N GLY B 196 -6.65 -8.23 -0.91
CA GLY B 196 -6.91 -7.24 -1.99
C GLY B 196 -6.31 -5.89 -1.58
N ASP B 197 -6.06 -5.71 -0.31
CA ASP B 197 -5.47 -4.40 0.15
C ASP B 197 -3.90 -4.40 0.14
N SER B 198 -3.30 -5.54 -0.08
CA SER B 198 -1.79 -5.65 -0.11
C SER B 198 -1.12 -4.62 -0.97
N GLY B 199 0.01 -4.13 -0.54
CA GLY B 199 0.77 -3.14 -1.32
C GLY B 199 0.38 -1.69 -1.11
N GLY B 200 -0.79 -1.46 -0.58
CA GLY B 200 -1.19 -0.06 -0.38
C GLY B 200 -0.68 0.56 0.90
N PRO B 201 -1.02 1.80 1.10
CA PRO B 201 -0.39 2.60 2.17
C PRO B 201 -1.02 2.61 3.57
N LEU B 202 -0.16 2.89 4.52
CA LEU B 202 -0.50 3.00 5.96
C LEU B 202 0.08 4.44 6.04
N VAL B 203 -0.74 5.45 6.23
CA VAL B 203 -0.30 6.88 6.31
C VAL B 203 -0.61 7.44 7.70
N CYS B 204 0.35 8.14 8.24
CA CYS B 204 0.23 8.75 9.60
C CYS B 204 0.83 10.15 9.54
N SER B 205 0.54 11.07 10.41
CA SER B 205 1.21 12.40 10.23
C SER B 205 2.49 12.23 11.04
N LEU B 206 3.61 12.62 10.53
CA LEU B 206 4.89 12.48 11.26
C LEU B 206 5.59 13.80 11.01
N GLN B 207 5.96 14.46 12.08
CA GLN B 207 6.65 15.75 11.99
C GLN B 207 5.90 16.74 11.14
N GLY B 208 4.60 16.67 11.19
CA GLY B 208 3.78 17.62 10.39
C GLY B 208 3.48 17.12 8.98
N ARG B 209 4.01 16.01 8.54
CA ARG B 209 3.71 15.55 7.14
C ARG B 209 2.90 14.28 7.16
N MET B 210 2.11 14.07 6.14
CA MET B 210 1.29 12.84 6.07
C MET B 210 2.43 12.02 5.48
N THR B 211 2.79 10.98 6.17
CA THR B 211 3.91 10.10 5.73
C THR B 211 3.53 8.65 5.45
N LEU B 212 4.26 8.05 4.56
CA LEU B 212 4.02 6.64 4.19
C LEU B 212 4.74 5.90 5.37
N THR B 213 4.02 5.46 6.36
CA THR B 213 4.64 4.74 7.51
C THR B 213 4.66 3.24 7.21
N GLY B 214 3.68 2.69 6.54
CA GLY B 214 3.70 1.23 6.24
C GLY B 214 3.05 0.88 4.89
N ILE B 215 3.27 -0.34 4.51
CA ILE B 215 2.77 -0.96 3.26
C ILE B 215 1.98 -2.16 3.77
N VAL B 216 0.76 -2.27 3.34
CA VAL B 216 -0.11 -3.40 3.76
C VAL B 216 0.60 -4.69 3.31
N SER B 217 0.86 -5.59 4.23
CA SER B 217 1.56 -6.85 3.88
C SER B 217 0.76 -8.13 4.19
N TRP B 218 0.47 -8.44 5.42
CA TRP B 218 -0.28 -9.66 5.78
C TRP B 218 -1.05 -9.49 7.06
N GLY B 219 -1.75 -10.51 7.44
CA GLY B 219 -2.55 -10.49 8.68
C GLY B 219 -3.20 -11.86 8.71
N ARG B 220 -3.55 -12.39 9.84
CA ARG B 220 -4.19 -13.74 9.85
C ARG B 220 -5.66 -13.34 9.83
N GLY B 221 -6.36 -13.70 8.79
CA GLY B 221 -7.80 -13.33 8.70
C GLY B 221 -7.86 -11.84 8.46
N CYS B 222 -8.98 -11.26 8.75
CA CYS B 222 -9.20 -9.82 8.59
C CYS B 222 -10.12 -9.43 9.73
N ALA B 223 -9.71 -8.42 10.44
CA ALA B 223 -10.43 -7.84 11.63
C ALA B 223 -10.67 -8.92 12.68
N LEU B 224 -9.70 -9.75 12.95
CA LEU B 224 -9.90 -10.83 13.98
C LEU B 224 -9.29 -10.31 15.29
N LYS B 225 -9.90 -10.69 16.37
CA LYS B 225 -9.41 -10.24 17.69
C LYS B 225 -8.01 -10.77 17.88
N ASP B 226 -7.13 -9.92 18.34
CA ASP B 226 -5.71 -10.26 18.59
C ASP B 226 -4.91 -10.64 17.37
N LYS B 227 -5.35 -10.25 16.20
CA LYS B 227 -4.61 -10.56 14.94
C LYS B 227 -4.59 -9.23 14.21
N PRO B 228 -3.63 -8.37 14.56
CA PRO B 228 -3.48 -7.03 13.95
C PRO B 228 -3.05 -7.16 12.47
N GLY B 229 -3.07 -6.10 11.75
CA GLY B 229 -2.64 -6.23 10.35
C GLY B 229 -1.15 -5.95 10.52
N VAL B 230 -0.34 -6.51 9.67
CA VAL B 230 1.13 -6.31 9.72
C VAL B 230 1.50 -5.52 8.44
N TYR B 231 2.40 -4.57 8.61
CA TYR B 231 2.87 -3.70 7.53
C TYR B 231 4.38 -3.69 7.44
N THR B 232 4.92 -3.36 6.30
CA THR B 232 6.39 -3.30 6.13
C THR B 232 6.71 -1.94 6.78
N ARG B 233 7.79 -1.88 7.52
CA ARG B 233 8.21 -0.64 8.23
C ARG B 233 9.08 0.14 7.28
N VAL B 234 8.47 0.99 6.52
CA VAL B 234 9.18 1.84 5.52
C VAL B 234 10.42 2.60 6.06
N SER B 235 10.36 3.14 7.25
CA SER B 235 11.50 3.90 7.84
C SER B 235 12.75 3.02 7.91
N HIS B 236 12.58 1.71 7.95
CA HIS B 236 13.77 0.83 8.03
C HIS B 236 14.26 0.41 6.63
N PHE B 237 13.62 0.89 5.58
CA PHE B 237 14.06 0.53 4.20
C PHE B 237 14.54 1.75 3.46
N LEU B 238 14.61 2.88 4.11
CA LEU B 238 15.10 4.10 3.41
C LEU B 238 16.41 3.99 2.66
N PRO B 239 17.44 3.36 3.16
CA PRO B 239 18.67 3.13 2.37
C PRO B 239 18.36 2.32 1.09
N TRP B 240 17.56 1.30 1.21
CA TRP B 240 17.21 0.46 0.03
C TRP B 240 16.45 1.36 -0.98
N ILE B 241 15.42 2.03 -0.54
CA ILE B 241 14.65 2.92 -1.46
C ILE B 241 15.68 3.81 -2.14
N ARG B 242 16.39 4.56 -1.36
CA ARG B 242 17.44 5.49 -1.90
C ARG B 242 18.29 4.71 -2.94
N SER B 243 18.83 3.58 -2.59
CA SER B 243 19.66 2.80 -3.55
C SER B 243 19.06 2.74 -4.97
N HIS B 244 17.77 2.73 -5.12
CA HIS B 244 17.18 2.66 -6.52
C HIS B 244 16.51 3.91 -7.00
N THR B 245 16.10 4.74 -6.09
CA THR B 245 15.42 6.01 -6.40
C THR B 245 16.44 7.08 -6.03
N LYS B 246 17.37 7.26 -6.91
CA LYS B 246 18.45 8.25 -6.74
C LYS B 246 18.48 8.92 -8.14
#